data_4XXP
#
_entry.id   4XXP
#
_cell.length_a   36.030
_cell.length_b   49.530
_cell.length_c   55.310
_cell.angle_alpha   90.000
_cell.angle_beta   95.210
_cell.angle_gamma   90.000
#
_symmetry.space_group_name_H-M   'P 1 21 1'
#
loop_
_entity.id
_entity.type
_entity.pdbx_description
1 polymer 'Putative uncharacterized protein (Rv0315 ortholog)'
2 non-polymer 'MAGNESIUM ION'
3 water water
#
_entity_poly.entity_id   1
_entity_poly.type   'polypeptide(L)'
_entity_poly.pdbx_seq_one_letter_code
;MAHHHHHHASPAPPPAAPSGQSGTYLFQDEFDGPAGSAPDASKWAVAKARETIKDPTYWERPENIGQYRDDRRNVFLDGK
SNLVLRAAKNGPTYYSGKVQSLWRGGVGHTWEARIKLDCLTAGAWPAYWLGNDDQGEIDVMEWYGNGNWPSATTVHAKAN
GGEWKTHNIAVDSAWHTWRCQWDEAGIRFWKDYVDGAQPYFDVPASSLPDWPFNGPGYTVFPVFNLAVAGSGGGDPGPGS
YPADMLIDWIRVW
;
_entity_poly.pdbx_strand_id   A
#
# COMPACT_ATOMS: atom_id res chain seq x y z
N TYR A 25 -15.90 -2.67 -12.28
CA TYR A 25 -15.29 -2.43 -10.97
C TYR A 25 -16.01 -1.33 -10.21
N LEU A 26 -16.05 -1.45 -8.89
CA LEU A 26 -16.60 -0.41 -8.05
C LEU A 26 -15.65 0.79 -8.00
N PHE A 27 -14.36 0.50 -8.04
CA PHE A 27 -13.34 1.54 -8.09
C PHE A 27 -12.16 0.95 -8.80
N GLN A 28 -11.53 1.74 -9.66
CA GLN A 28 -10.29 1.28 -10.25
C GLN A 28 -9.45 2.45 -10.71
N ASP A 29 -8.15 2.24 -10.76
CA ASP A 29 -7.28 3.08 -11.56
C ASP A 29 -6.23 2.20 -12.23
N GLU A 30 -6.12 2.32 -13.54
CA GLU A 30 -5.12 1.57 -14.31
C GLU A 30 -3.84 2.38 -14.50
N PHE A 31 -3.89 3.63 -14.03
CA PHE A 31 -2.74 4.54 -14.09
C PHE A 31 -2.17 4.69 -15.52
N ASP A 32 -3.08 4.70 -16.49
CA ASP A 32 -2.71 5.01 -17.87
C ASP A 32 -2.62 6.52 -18.03
N GLY A 33 -1.67 6.96 -18.84
CA GLY A 33 -1.51 8.39 -19.06
C GLY A 33 -0.10 8.74 -19.43
N PRO A 34 0.12 9.95 -19.93
CA PRO A 34 1.45 10.35 -20.40
C PRO A 34 2.50 10.37 -19.29
N ALA A 35 3.71 9.99 -19.68
CA ALA A 35 4.85 9.99 -18.79
C ALA A 35 5.01 11.34 -18.11
N GLY A 36 5.19 11.29 -16.80
CA GLY A 36 5.47 12.48 -16.02
C GLY A 36 4.24 13.20 -15.50
N SER A 37 3.05 12.74 -15.88
CA SER A 37 1.83 13.41 -15.44
C SER A 37 1.38 12.95 -14.03
N ALA A 38 0.45 13.71 -13.43
CA ALA A 38 -0.03 13.39 -12.08
C ALA A 38 -1.07 12.29 -12.13
N PRO A 39 -1.20 11.51 -11.05
CA PRO A 39 -2.31 10.55 -11.03
C PRO A 39 -3.64 11.29 -11.03
N ASP A 40 -4.68 10.59 -11.47
CA ASP A 40 -6.02 11.14 -11.65
C ASP A 40 -6.48 11.95 -10.43
N ALA A 41 -6.69 13.24 -10.63
CA ALA A 41 -7.01 14.11 -9.51
C ALA A 41 -8.44 13.91 -9.01
N SER A 42 -9.26 13.21 -9.79
CA SER A 42 -10.61 12.86 -9.37
C SER A 42 -10.62 11.59 -8.50
N LYS A 43 -9.46 10.94 -8.37
CA LYS A 43 -9.39 9.69 -7.62
C LYS A 43 -8.36 9.69 -6.49
N TRP A 44 -7.34 10.54 -6.58
CA TRP A 44 -6.22 10.52 -5.63
C TRP A 44 -5.87 11.89 -5.10
N ALA A 45 -5.62 11.95 -3.79
CA ALA A 45 -4.96 13.11 -3.20
C ALA A 45 -3.48 12.79 -3.00
N VAL A 46 -2.63 13.64 -3.55
CA VAL A 46 -1.18 13.46 -3.42
C VAL A 46 -0.71 14.17 -2.18
N ALA A 47 0.00 13.44 -1.32
CA ALA A 47 0.43 14.00 -0.03
C ALA A 47 1.38 15.16 -0.24
N LYS A 48 1.18 16.21 0.55
CA LYS A 48 1.88 17.47 0.34
C LYS A 48 2.79 17.81 1.51
N GLN A 67 10.24 13.40 3.47
CA GLN A 67 9.11 14.31 3.28
C GLN A 67 8.35 13.99 2.01
N TYR A 68 7.03 13.84 2.12
CA TYR A 68 6.20 13.68 0.93
C TYR A 68 6.01 15.02 0.27
N ARG A 69 6.02 15.04 -1.05
CA ARG A 69 5.64 16.28 -1.71
C ARG A 69 4.90 15.98 -2.99
N ASP A 70 4.08 16.94 -3.39
CA ASP A 70 3.30 16.82 -4.61
C ASP A 70 4.16 17.37 -5.73
N ASP A 71 5.09 16.54 -6.16
CA ASP A 71 6.12 16.92 -7.13
C ASP A 71 6.16 15.78 -8.15
N ARG A 72 6.18 16.10 -9.43
CA ARG A 72 6.14 15.04 -10.43
C ARG A 72 7.44 14.24 -10.46
N ARG A 73 8.46 14.70 -9.74
CA ARG A 73 9.69 13.93 -9.62
C ARG A 73 9.52 12.79 -8.60
N ASN A 74 8.51 12.91 -7.74
CA ASN A 74 8.28 11.89 -6.70
C ASN A 74 6.98 11.12 -6.82
N VAL A 75 6.00 11.69 -7.50
CA VAL A 75 4.71 11.03 -7.74
C VAL A 75 4.29 11.29 -9.16
N PHE A 76 4.35 10.27 -10.01
CA PHE A 76 4.09 10.50 -11.43
C PHE A 76 3.68 9.23 -12.13
N LEU A 77 2.90 9.37 -13.20
CA LEU A 77 2.66 8.25 -14.09
C LEU A 77 3.88 8.08 -15.00
N ASP A 78 4.27 6.83 -15.28
CA ASP A 78 5.49 6.65 -16.07
C ASP A 78 5.24 6.49 -17.57
N GLY A 79 3.98 6.52 -18.00
CA GLY A 79 3.66 6.41 -19.41
C GLY A 79 3.56 4.97 -19.88
N LYS A 80 3.77 4.04 -18.96
CA LYS A 80 3.73 2.61 -19.25
C LYS A 80 2.69 1.91 -18.39
N SER A 81 1.72 2.70 -17.91
CA SER A 81 0.56 2.24 -17.13
C SER A 81 0.86 2.09 -15.62
N ASN A 82 1.95 2.69 -15.14
CA ASN A 82 2.25 2.64 -13.73
C ASN A 82 2.27 4.00 -13.07
N LEU A 83 1.75 4.04 -11.85
CA LEU A 83 2.03 5.14 -10.91
C LEU A 83 3.38 4.84 -10.27
N VAL A 84 4.27 5.83 -10.24
CA VAL A 84 5.57 5.69 -9.60
C VAL A 84 5.64 6.61 -8.39
N LEU A 85 5.99 6.03 -7.25
CA LEU A 85 6.33 6.78 -6.05
C LEU A 85 7.82 6.66 -5.90
N ARG A 86 8.51 7.80 -5.94
CA ARG A 86 9.97 7.77 -5.99
C ARG A 86 10.55 8.54 -4.81
N ALA A 87 11.41 7.86 -4.06
CA ALA A 87 12.15 8.49 -2.97
C ALA A 87 13.51 8.89 -3.51
N ALA A 88 13.84 10.16 -3.35
CA ALA A 88 15.11 10.65 -3.87
C ALA A 88 15.78 11.59 -2.88
N LYS A 89 17.11 11.56 -2.89
CA LYS A 89 17.93 12.35 -1.98
C LYS A 89 18.27 13.65 -2.68
N ASN A 90 17.89 14.78 -2.07
CA ASN A 90 18.25 16.11 -2.57
C ASN A 90 19.18 16.74 -1.53
N GLY A 91 20.47 16.53 -1.71
CA GLY A 91 21.43 16.93 -0.70
C GLY A 91 21.26 16.03 0.50
N PRO A 92 21.07 16.63 1.69
CA PRO A 92 20.88 15.86 2.92
C PRO A 92 19.43 15.40 3.08
N THR A 93 18.55 15.93 2.24
CA THR A 93 17.12 15.73 2.43
C THR A 93 16.53 14.67 1.49
N TYR A 94 15.65 13.83 2.02
CA TYR A 94 14.93 12.91 1.16
C TYR A 94 13.53 13.43 0.88
N TYR A 95 13.08 13.26 -0.36
CA TYR A 95 11.68 13.51 -0.72
C TYR A 95 11.11 12.23 -1.25
N SER A 96 9.84 11.99 -0.98
CA SER A 96 9.20 10.81 -1.53
C SER A 96 7.75 11.06 -1.83
N GLY A 97 7.01 9.98 -2.06
CA GLY A 97 5.62 10.15 -2.48
C GLY A 97 4.60 9.29 -1.78
N LYS A 98 3.37 9.80 -1.77
CA LYS A 98 2.24 9.11 -1.15
C LYS A 98 0.94 9.54 -1.83
N VAL A 99 0.05 8.60 -2.09
CA VAL A 99 -1.27 8.95 -2.61
C VAL A 99 -2.35 8.31 -1.75
N GLN A 100 -3.43 9.05 -1.54
CA GLN A 100 -4.58 8.53 -0.81
C GLN A 100 -5.83 8.60 -1.69
N SER A 101 -6.55 7.50 -1.77
CA SER A 101 -7.78 7.47 -2.56
C SER A 101 -8.84 8.43 -2.02
N LEU A 102 -9.48 9.18 -2.92
CA LEU A 102 -10.64 9.98 -2.59
C LEU A 102 -11.89 9.12 -2.43
N TRP A 103 -11.87 7.95 -3.05
CA TRP A 103 -12.95 6.99 -2.93
C TRP A 103 -12.77 6.12 -1.69
N ARG A 104 -13.85 5.84 -0.98
CA ARG A 104 -13.80 4.94 0.16
C ARG A 104 -14.80 3.82 -0.04
N GLY A 105 -14.41 2.61 0.33
CA GLY A 105 -15.27 1.46 0.14
C GLY A 105 -15.61 0.77 1.44
N GLY A 106 -16.80 0.21 1.51
CA GLY A 106 -17.21 -0.55 2.69
C GLY A 106 -17.08 -2.05 2.55
N VAL A 107 -17.77 -2.74 3.44
CA VAL A 107 -17.67 -4.19 3.56
C VAL A 107 -18.24 -4.91 2.33
N GLY A 108 -17.68 -6.08 2.04
CA GLY A 108 -18.27 -6.98 1.07
C GLY A 108 -17.58 -7.06 -0.28
N HIS A 109 -16.39 -6.46 -0.40
CA HIS A 109 -15.71 -6.39 -1.68
C HIS A 109 -14.35 -7.05 -1.67
N THR A 110 -13.79 -7.20 -2.87
CA THR A 110 -12.43 -7.70 -3.05
C THR A 110 -11.63 -6.55 -3.62
N TRP A 111 -10.40 -6.39 -3.13
CA TRP A 111 -9.52 -5.27 -3.41
C TRP A 111 -8.23 -5.87 -3.93
N GLU A 112 -7.69 -5.39 -5.04
CA GLU A 112 -6.43 -5.96 -5.51
C GLU A 112 -5.57 -4.90 -6.16
N ALA A 113 -4.27 -4.95 -5.88
CA ALA A 113 -3.34 -4.02 -6.52
C ALA A 113 -2.15 -4.78 -7.06
N ARG A 114 -1.62 -4.32 -8.19
CA ARG A 114 -0.41 -4.90 -8.77
C ARG A 114 0.74 -3.95 -8.52
N ILE A 115 1.77 -4.44 -7.83
CA ILE A 115 2.83 -3.60 -7.27
C ILE A 115 4.21 -4.15 -7.58
N LYS A 116 5.16 -3.26 -7.86
CA LYS A 116 6.55 -3.63 -8.06
C LYS A 116 7.42 -2.82 -7.11
N LEU A 117 8.17 -3.50 -6.24
CA LEU A 117 9.02 -2.79 -5.28
C LEU A 117 10.45 -2.72 -5.78
N ASP A 118 10.74 -1.61 -6.47
CA ASP A 118 12.08 -1.29 -6.91
C ASP A 118 12.78 -0.45 -5.83
N CYS A 119 12.54 -0.81 -4.57
CA CYS A 119 12.94 0.05 -3.46
C CYS A 119 13.30 -0.76 -2.22
N LEU A 120 13.77 -2.00 -2.42
CA LEU A 120 14.11 -2.88 -1.29
C LEU A 120 15.52 -2.52 -0.84
N THR A 121 15.60 -1.43 -0.10
CA THR A 121 16.88 -0.89 0.28
C THR A 121 16.79 -0.29 1.68
N ALA A 122 17.93 -0.17 2.36
CA ALA A 122 17.96 0.43 3.69
C ALA A 122 17.31 1.81 3.69
N GLY A 123 16.44 2.05 4.67
CA GLY A 123 15.76 3.32 4.77
C GLY A 123 14.35 3.30 4.21
N ALA A 124 14.09 2.40 3.26
CA ALA A 124 12.81 2.44 2.53
C ALA A 124 11.70 1.70 3.27
N TRP A 125 10.48 2.22 3.13
CA TRP A 125 9.33 1.62 3.80
C TRP A 125 8.11 1.77 2.92
N PRO A 126 8.02 0.96 1.85
CA PRO A 126 6.85 0.94 0.96
C PRO A 126 5.67 0.30 1.65
N ALA A 127 4.46 0.80 1.38
CA ALA A 127 3.27 0.25 2.01
C ALA A 127 2.07 0.44 1.13
N TYR A 128 1.21 -0.59 1.13
CA TYR A 128 -0.10 -0.56 0.53
C TYR A 128 -1.08 -0.91 1.64
N TRP A 129 -1.98 0.01 1.95
CA TRP A 129 -2.88 -0.22 3.05
C TRP A 129 -4.24 0.42 2.82
N LEU A 130 -5.23 -0.01 3.61
CA LEU A 130 -6.58 0.52 3.54
C LEU A 130 -6.82 1.19 4.87
N GLY A 131 -6.99 2.50 4.83
CA GLY A 131 -7.00 3.32 6.03
C GLY A 131 -8.37 3.74 6.50
N ASN A 132 -8.44 4.16 7.76
CA ASN A 132 -9.65 4.69 8.33
C ASN A 132 -9.22 5.80 9.27
N ASP A 133 -9.95 6.90 9.28
CA ASP A 133 -9.59 8.04 10.13
C ASP A 133 -9.76 7.74 11.61
N ASP A 134 -10.66 6.82 11.94
CA ASP A 134 -11.01 6.58 13.32
C ASP A 134 -10.24 5.40 13.89
N GLN A 135 -10.81 4.21 13.75
CA GLN A 135 -10.27 3.01 14.37
C GLN A 135 -10.17 1.92 13.33
N GLY A 136 -9.05 1.22 13.27
CA GLY A 136 -8.87 0.13 12.34
C GLY A 136 -7.98 0.48 11.17
N GLU A 137 -7.27 -0.52 10.66
CA GLU A 137 -6.42 -0.35 9.51
C GLU A 137 -6.09 -1.71 8.92
N ILE A 138 -6.08 -1.80 7.59
CA ILE A 138 -5.71 -3.02 6.90
C ILE A 138 -4.42 -2.80 6.16
N ASP A 139 -3.32 -3.33 6.70
CA ASP A 139 -2.02 -3.15 6.05
C ASP A 139 -1.80 -4.34 5.15
N VAL A 140 -2.08 -4.17 3.87
CA VAL A 140 -2.12 -5.28 2.92
C VAL A 140 -0.72 -5.79 2.67
N MET A 141 0.21 -4.86 2.45
CA MET A 141 1.58 -5.21 2.18
C MET A 141 2.49 -4.11 2.70
N GLU A 142 3.41 -4.47 3.60
CA GLU A 142 4.47 -3.55 4.00
C GLU A 142 5.79 -4.27 3.88
N TRP A 143 6.81 -3.56 3.40
CA TRP A 143 8.18 -4.05 3.48
C TRP A 143 9.01 -3.03 4.24
N TYR A 144 9.88 -3.53 5.12
CA TYR A 144 10.65 -2.68 6.02
C TYR A 144 12.14 -2.68 5.69
N GLY A 145 12.68 -1.48 5.50
CA GLY A 145 14.10 -1.31 5.22
C GLY A 145 14.99 -1.26 6.44
N ASN A 146 14.42 -1.47 7.62
CA ASN A 146 15.20 -1.31 8.84
C ASN A 146 16.09 -2.53 9.17
N GLY A 147 15.99 -3.58 8.36
CA GLY A 147 16.87 -4.73 8.56
C GLY A 147 16.46 -5.66 9.70
N ASN A 148 15.38 -5.31 10.39
CA ASN A 148 14.96 -6.03 11.58
C ASN A 148 13.61 -6.71 11.42
N TRP A 149 12.65 -6.00 10.85
CA TRP A 149 11.28 -6.52 10.76
C TRP A 149 11.03 -7.21 9.44
N PRO A 150 10.44 -8.41 9.48
CA PRO A 150 10.07 -9.07 8.23
C PRO A 150 8.87 -8.39 7.53
N SER A 151 8.84 -8.44 6.21
CA SER A 151 7.70 -7.87 5.48
C SER A 151 6.43 -8.62 5.91
N ALA A 152 5.30 -7.91 5.94
CA ALA A 152 4.12 -8.50 6.55
C ALA A 152 2.84 -7.86 6.11
N THR A 153 1.77 -8.61 6.31
CA THR A 153 0.39 -8.16 6.20
C THR A 153 -0.20 -8.10 7.62
N THR A 154 -0.92 -7.03 7.95
CA THR A 154 -1.42 -6.87 9.31
C THR A 154 -2.82 -6.28 9.32
N VAL A 155 -3.71 -6.83 10.15
CA VAL A 155 -5.02 -6.24 10.38
C VAL A 155 -5.02 -5.63 11.77
N HIS A 156 -5.33 -4.34 11.88
CA HIS A 156 -5.44 -3.67 13.17
C HIS A 156 -6.86 -3.39 13.52
N ALA A 157 -7.31 -3.83 14.70
CA ALA A 157 -8.67 -3.55 15.12
C ALA A 157 -8.75 -2.26 15.95
N LYS A 158 -7.69 -1.97 16.70
CA LYS A 158 -7.69 -0.81 17.60
C LYS A 158 -6.32 -0.12 17.63
N GLU A 163 -4.83 -5.43 19.92
CA GLU A 163 -5.82 -6.10 19.09
C GLU A 163 -5.45 -6.03 17.60
N TRP A 164 -4.47 -6.84 17.22
CA TRP A 164 -4.08 -6.94 15.81
C TRP A 164 -3.61 -8.36 15.51
N LYS A 165 -3.57 -8.69 14.22
CA LYS A 165 -3.08 -9.98 13.76
C LYS A 165 -2.15 -9.73 12.59
N THR A 166 -1.00 -10.39 12.57
CA THR A 166 -0.03 -10.14 11.50
C THR A 166 0.43 -11.48 10.93
N HIS A 167 0.91 -11.44 9.69
CA HIS A 167 1.40 -12.63 9.02
C HIS A 167 2.57 -12.22 8.16
N ASN A 168 3.69 -12.92 8.28
CA ASN A 168 4.85 -12.55 7.47
C ASN A 168 4.64 -12.98 6.03
N ILE A 169 5.08 -12.12 5.09
CA ILE A 169 4.99 -12.38 3.66
C ILE A 169 6.36 -12.25 3.07
N ALA A 170 6.63 -12.98 2.01
CA ALA A 170 7.85 -12.74 1.25
C ALA A 170 7.57 -11.76 0.12
N VAL A 171 8.46 -10.81 -0.11
CA VAL A 171 8.30 -10.00 -1.32
C VAL A 171 9.67 -9.61 -1.83
N ASP A 172 9.85 -9.81 -3.13
CA ASP A 172 11.07 -9.40 -3.81
C ASP A 172 10.75 -8.20 -4.71
N SER A 173 11.61 -7.95 -5.70
CA SER A 173 11.45 -6.76 -6.53
C SER A 173 10.62 -7.02 -7.79
N ALA A 174 10.08 -8.23 -7.95
CA ALA A 174 9.27 -8.51 -9.11
C ALA A 174 7.83 -8.00 -8.96
N TRP A 175 7.12 -7.91 -10.07
CA TRP A 175 5.69 -7.64 -10.03
C TRP A 175 4.94 -8.71 -9.24
N HIS A 176 4.07 -8.27 -8.33
CA HIS A 176 3.13 -9.17 -7.64
C HIS A 176 1.78 -8.51 -7.51
N THR A 177 0.75 -9.33 -7.39
CA THR A 177 -0.56 -8.79 -7.04
C THR A 177 -0.87 -9.11 -5.59
N TRP A 178 -1.52 -8.16 -4.94
CA TRP A 178 -1.86 -8.27 -3.53
C TRP A 178 -3.37 -8.06 -3.38
N ARG A 179 -4.06 -9.12 -2.98
CA ARG A 179 -5.52 -9.16 -2.95
C ARG A 179 -6.00 -9.24 -1.52
N CYS A 180 -7.05 -8.49 -1.22
CA CYS A 180 -7.67 -8.48 0.09
C CYS A 180 -9.16 -8.64 -0.11
N GLN A 181 -9.78 -9.65 0.50
CA GLN A 181 -11.22 -9.72 0.53
C GLN A 181 -11.68 -9.36 1.93
N TRP A 182 -12.53 -8.36 2.04
CA TRP A 182 -13.01 -7.95 3.35
C TRP A 182 -14.54 -8.05 3.36
N ASP A 183 -15.06 -9.04 4.07
CA ASP A 183 -16.50 -9.21 4.17
C ASP A 183 -16.92 -9.20 5.65
N GLU A 184 -18.21 -9.42 5.88
CA GLU A 184 -18.75 -9.41 7.24
C GLU A 184 -18.01 -10.41 8.14
N ALA A 185 -17.62 -11.55 7.57
CA ALA A 185 -17.03 -12.59 8.39
C ALA A 185 -15.55 -12.42 8.68
N GLY A 186 -14.85 -11.59 7.91
CA GLY A 186 -13.41 -11.45 8.14
C GLY A 186 -12.66 -10.78 7.01
N ILE A 187 -11.35 -10.83 7.09
CA ILE A 187 -10.47 -10.20 6.11
C ILE A 187 -9.41 -11.22 5.73
N ARG A 188 -9.26 -11.46 4.43
CA ARG A 188 -8.28 -12.47 4.03
C ARG A 188 -7.51 -12.01 2.80
N PHE A 189 -6.37 -12.66 2.56
CA PHE A 189 -5.37 -12.10 1.66
C PHE A 189 -4.79 -13.15 0.73
N TRP A 190 -4.47 -12.73 -0.49
CA TRP A 190 -3.78 -13.58 -1.46
C TRP A 190 -2.65 -12.82 -2.09
N LYS A 191 -1.57 -13.53 -2.41
CA LYS A 191 -0.49 -13.01 -3.22
C LYS A 191 -0.52 -13.73 -4.57
N ASP A 192 -0.46 -12.96 -5.66
CA ASP A 192 -0.47 -13.54 -7.00
C ASP A 192 -1.64 -14.53 -7.19
N TYR A 193 -2.85 -14.05 -6.87
CA TYR A 193 -4.04 -14.85 -6.98
C TYR A 193 -4.20 -15.50 -8.34
N VAL A 194 -4.60 -16.78 -8.31
CA VAL A 194 -5.13 -17.47 -9.47
C VAL A 194 -6.40 -18.16 -9.01
N ASP A 195 -7.32 -18.41 -9.94
CA ASP A 195 -8.66 -18.90 -9.57
C ASP A 195 -8.60 -20.10 -8.63
N GLY A 196 -9.30 -20.00 -7.51
CA GLY A 196 -9.38 -21.08 -6.54
C GLY A 196 -8.22 -21.18 -5.55
N ALA A 197 -7.23 -20.30 -5.66
CA ALA A 197 -6.11 -20.30 -4.72
C ALA A 197 -6.60 -20.04 -3.31
N GLN A 198 -5.89 -20.60 -2.33
CA GLN A 198 -6.25 -20.40 -0.94
C GLN A 198 -5.56 -19.14 -0.44
N PRO A 199 -6.23 -18.38 0.44
CA PRO A 199 -5.55 -17.20 1.00
C PRO A 199 -4.34 -17.58 1.85
N TYR A 200 -3.32 -16.73 1.86
CA TYR A 200 -2.18 -17.03 2.70
C TYR A 200 -2.40 -16.59 4.15
N PHE A 201 -3.43 -15.77 4.40
CA PHE A 201 -3.67 -15.20 5.72
C PHE A 201 -5.16 -14.90 5.80
N ASP A 202 -5.79 -15.34 6.89
CA ASP A 202 -7.23 -15.19 7.07
C ASP A 202 -7.45 -14.67 8.49
N VAL A 203 -8.13 -13.53 8.62
CA VAL A 203 -8.43 -12.96 9.94
C VAL A 203 -9.93 -12.93 10.14
N PRO A 204 -10.47 -13.95 10.82
CA PRO A 204 -11.90 -13.96 11.11
C PRO A 204 -12.29 -12.78 12.01
N ALA A 205 -13.44 -12.18 11.73
CA ALA A 205 -13.94 -11.07 12.54
C ALA A 205 -14.03 -11.47 14.01
N SER A 206 -14.39 -12.71 14.26
CA SER A 206 -14.56 -13.20 15.62
C SER A 206 -13.24 -13.21 16.40
N SER A 207 -12.12 -13.24 15.71
CA SER A 207 -10.84 -13.46 16.39
C SER A 207 -10.33 -12.20 17.08
N LEU A 208 -10.90 -11.05 16.73
CA LEU A 208 -10.52 -9.78 17.34
C LEU A 208 -11.74 -9.16 17.98
N PRO A 209 -11.85 -9.24 19.32
CA PRO A 209 -13.07 -8.79 19.99
C PRO A 209 -13.49 -7.35 19.65
N ASP A 210 -12.53 -6.46 19.39
CA ASP A 210 -12.87 -5.06 19.15
C ASP A 210 -12.99 -4.72 17.66
N TRP A 211 -13.18 -5.75 16.84
CA TRP A 211 -13.43 -5.61 15.41
C TRP A 211 -14.31 -4.41 15.08
N PRO A 212 -13.74 -3.40 14.39
CA PRO A 212 -14.50 -2.20 14.04
C PRO A 212 -15.19 -2.29 12.69
N PHE A 213 -14.79 -3.26 11.87
CA PHE A 213 -15.12 -3.21 10.44
C PHE A 213 -16.58 -3.52 10.10
N ASN A 214 -17.36 -4.05 11.04
CA ASN A 214 -18.78 -4.24 10.77
C ASN A 214 -19.65 -3.12 11.31
N GLY A 215 -19.02 -1.99 11.64
CA GLY A 215 -19.80 -0.83 12.03
C GLY A 215 -20.60 -0.24 10.90
N PRO A 216 -21.74 0.39 11.21
CA PRO A 216 -22.58 0.95 10.15
C PRO A 216 -21.82 1.99 9.35
N GLY A 217 -21.81 1.82 8.04
CA GLY A 217 -21.15 2.75 7.15
C GLY A 217 -19.65 2.81 7.24
N TYR A 218 -19.03 1.83 7.90
CA TYR A 218 -17.57 1.76 8.00
C TYR A 218 -16.94 1.66 6.60
N THR A 219 -16.01 2.56 6.29
CA THR A 219 -15.32 2.48 5.01
C THR A 219 -13.82 2.67 5.14
N VAL A 220 -13.07 2.23 4.13
CA VAL A 220 -11.63 2.41 4.12
C VAL A 220 -11.18 3.06 2.82
N PHE A 221 -10.05 3.79 2.88
CA PHE A 221 -9.44 4.40 1.69
C PHE A 221 -8.11 3.73 1.35
N PRO A 222 -7.93 3.30 0.08
CA PRO A 222 -6.60 2.82 -0.32
C PRO A 222 -5.52 3.88 -0.20
N VAL A 223 -4.34 3.44 0.25
CA VAL A 223 -3.15 4.30 0.30
C VAL A 223 -1.98 3.55 -0.28
N PHE A 224 -1.19 4.24 -1.09
CA PHE A 224 0.15 3.76 -1.46
C PHE A 224 1.15 4.79 -0.98
N ASN A 225 2.20 4.36 -0.28
CA ASN A 225 3.22 5.35 0.09
C ASN A 225 4.58 4.72 0.12
N LEU A 226 5.60 5.52 -0.19
CA LEU A 226 6.97 5.07 -0.01
C LEU A 226 7.61 5.95 1.08
N ALA A 227 7.56 5.47 2.32
CA ALA A 227 8.13 6.23 3.42
C ALA A 227 9.64 6.04 3.46
N VAL A 228 10.36 6.98 4.08
CA VAL A 228 11.80 6.89 4.26
C VAL A 228 12.11 7.08 5.74
N ALA A 229 12.97 6.23 6.27
CA ALA A 229 13.35 6.25 7.69
C ALA A 229 12.16 5.97 8.60
N GLY A 230 12.10 6.61 9.77
CA GLY A 230 11.13 6.20 10.78
C GLY A 230 11.43 4.81 11.29
N SER A 231 10.51 4.24 12.06
CA SER A 231 10.73 2.94 12.67
C SER A 231 10.90 1.83 11.64
N GLY A 232 10.01 1.82 10.65
CA GLY A 232 10.01 0.76 9.64
C GLY A 232 11.13 0.88 8.63
N GLY A 233 11.55 2.09 8.30
CA GLY A 233 12.56 2.27 7.26
C GLY A 233 13.98 2.14 7.76
N GLY A 234 14.24 2.60 8.98
CA GLY A 234 15.61 2.65 9.47
C GLY A 234 16.41 3.73 8.77
N ASP A 235 17.69 3.84 9.08
CA ASP A 235 18.47 4.91 8.47
CA ASP A 235 18.54 4.87 8.51
C ASP A 235 18.77 4.62 7.01
N PRO A 236 18.48 5.62 6.15
CA PRO A 236 18.64 5.45 4.70
C PRO A 236 20.08 5.65 4.23
N GLY A 237 20.94 6.10 5.12
CA GLY A 237 22.33 6.33 4.75
C GLY A 237 22.96 5.23 3.90
N PRO A 238 22.88 3.97 4.36
CA PRO A 238 23.48 2.88 3.57
C PRO A 238 22.67 2.46 2.35
N GLY A 239 21.49 3.05 2.17
CA GLY A 239 20.59 2.63 1.10
C GLY A 239 20.91 3.20 -0.28
N SER A 240 20.24 2.65 -1.29
CA SER A 240 20.44 3.06 -2.69
C SER A 240 19.26 3.87 -3.20
N TYR A 241 19.51 5.15 -3.44
CA TYR A 241 18.48 6.08 -3.92
C TYR A 241 18.92 6.70 -5.24
N PRO A 242 17.95 7.03 -6.12
CA PRO A 242 16.50 6.93 -5.93
C PRO A 242 15.97 5.50 -5.86
N ALA A 243 14.83 5.37 -5.19
CA ALA A 243 14.15 4.10 -5.00
C ALA A 243 12.69 4.28 -5.41
N ASP A 244 12.15 3.30 -6.13
CA ASP A 244 10.82 3.41 -6.71
C ASP A 244 9.86 2.35 -6.21
N MET A 245 8.63 2.77 -5.92
CA MET A 245 7.52 1.83 -5.77
C MET A 245 6.59 2.05 -6.97
N LEU A 246 6.29 0.99 -7.71
CA LEU A 246 5.44 1.12 -8.91
C LEU A 246 4.11 0.44 -8.67
N ILE A 247 3.03 1.08 -9.10
CA ILE A 247 1.72 0.46 -9.01
C ILE A 247 1.06 0.44 -10.38
N ASP A 248 0.79 -0.74 -10.92
CA ASP A 248 0.21 -0.86 -12.26
C ASP A 248 -1.30 -0.57 -12.20
N TRP A 249 -1.96 -1.00 -11.15
CA TRP A 249 -3.38 -0.80 -11.04
C TRP A 249 -3.87 -1.13 -9.66
N ILE A 250 -5.01 -0.55 -9.30
CA ILE A 250 -5.81 -1.00 -8.17
C ILE A 250 -7.24 -1.20 -8.68
N ARG A 251 -7.88 -2.28 -8.23
CA ARG A 251 -9.25 -2.61 -8.65
C ARG A 251 -10.04 -3.09 -7.43
N VAL A 252 -11.30 -2.69 -7.35
CA VAL A 252 -12.17 -3.11 -6.24
C VAL A 252 -13.47 -3.56 -6.87
N TRP A 253 -13.96 -4.73 -6.50
CA TRP A 253 -15.21 -5.23 -7.07
C TRP A 253 -15.99 -6.10 -6.09
#